data_4WOK
#
_entry.id   4WOK
#
_cell.length_a   76.480
_cell.length_b   86.460
_cell.length_c   126.850
_cell.angle_alpha   90.000
_cell.angle_beta   90.000
_cell.angle_gamma   90.000
#
_symmetry.space_group_name_H-M   'I 2 2 2'
#
loop_
_entity.id
_entity.type
_entity.pdbx_description
1 polymer 'UDP-glucose 4-epimerase'
2 non-polymer NICOTINAMIDE-ADENINE-DINUCLEOTIDE
3 non-polymer 'ZINC ION'
4 non-polymer 'PHOSPHATE ION'
5 water water
#
_entity_poly.entity_id   1
_entity_poly.type   'polypeptide(L)'
_entity_poly.pdbx_seq_one_letter_code
;MAHHHHHHMSANNVLVVGGAGFIGSHTAKLLAGQGYAPVVYDNLSTGHQSAVRWGDFVEGDILDQARLVETMEKYAPVAV
IHFAASAYVGESVEDPAKYYRNNVGGTQSLLDACRLTRTQNVIFSSSCATYGVPSRLPIGEGEAQNPINPYGRTKLIAEH
MLADYAVAYGLRYVALRYFNASGADIDGELGEKHDPETHLIPRAMMAAAGRLDVLEVYGDDYETPDGTCIRDYIHVTDLA
RAHVLAVEHLKEAGGNLAVNLGTGRGTSIREIVQSIGRLTGRSVPVAMRARRAGDPPALYADPALAAEKLGFHTVYSDLD
TIIRTAAPHFGLEVRG
;
_entity_poly.pdbx_strand_id   A
#
# COMPACT_ATOMS: atom_id res chain seq x y z
N ALA A 11 -24.90 4.85 7.52
CA ALA A 11 -25.46 5.31 6.25
C ALA A 11 -24.46 5.07 5.13
N ASN A 12 -23.58 6.03 4.88
CA ASN A 12 -22.59 5.81 3.84
C ASN A 12 -21.24 6.43 4.18
N ASN A 13 -21.01 6.80 5.46
CA ASN A 13 -19.67 7.24 5.87
C ASN A 13 -18.70 6.06 5.89
N VAL A 14 -17.52 6.25 5.32
CA VAL A 14 -16.47 5.26 5.39
C VAL A 14 -15.25 5.95 5.98
N LEU A 15 -14.76 5.42 7.10
CA LEU A 15 -13.63 6.05 7.77
C LEU A 15 -12.33 5.58 7.13
N VAL A 16 -11.59 6.51 6.55
CA VAL A 16 -10.34 6.18 5.89
C VAL A 16 -9.19 6.66 6.76
N VAL A 17 -8.68 5.73 7.55
CA VAL A 17 -7.61 6.01 8.47
C VAL A 17 -6.28 6.00 7.71
N GLY A 18 -5.51 7.08 7.78
CA GLY A 18 -4.36 7.23 6.90
C GLY A 18 -4.78 7.77 5.53
N GLY A 19 -5.98 8.34 5.47
CA GLY A 19 -6.56 8.80 4.22
C GLY A 19 -5.99 10.08 3.60
N ALA A 20 -5.01 10.68 4.27
CA ALA A 20 -4.31 11.85 3.70
C ALA A 20 -3.05 11.44 2.94
N GLY A 21 -2.72 10.15 3.00
CA GLY A 21 -1.52 9.64 2.35
C GLY A 21 -1.75 9.25 0.90
N PHE A 22 -0.76 8.59 0.32
CA PHE A 22 -0.78 8.22 -1.10
C PHE A 22 -1.94 7.27 -1.45
N ILE A 23 -1.91 6.05 -0.92
CA ILE A 23 -2.96 5.10 -1.27
C ILE A 23 -4.33 5.47 -0.66
N GLY A 24 -4.30 6.02 0.55
CA GLY A 24 -5.53 6.38 1.27
C GLY A 24 -6.29 7.49 0.56
N SER A 25 -5.58 8.50 0.04
CA SER A 25 -6.25 9.59 -0.65
C SER A 25 -6.85 9.11 -1.96
N HIS A 26 -6.14 8.23 -2.68
CA HIS A 26 -6.71 7.66 -3.90
C HIS A 26 -7.97 6.85 -3.60
N THR A 27 -7.96 6.19 -2.45
CA THR A 27 -9.09 5.35 -2.05
C THR A 27 -10.28 6.23 -1.65
N ALA A 28 -10.01 7.33 -0.95
CA ALA A 28 -11.04 8.31 -0.63
C ALA A 28 -11.70 8.88 -1.90
N LYS A 29 -10.87 9.25 -2.87
CA LYS A 29 -11.40 9.73 -4.16
CA LYS A 29 -11.40 9.73 -4.16
C LYS A 29 -12.34 8.70 -4.78
N LEU A 30 -11.91 7.45 -4.78
CA LEU A 30 -12.71 6.39 -5.39
C LEU A 30 -14.00 6.16 -4.63
N LEU A 31 -13.90 6.13 -3.30
CA LEU A 31 -15.09 5.93 -2.47
C LEU A 31 -16.14 6.96 -2.83
N ALA A 32 -15.73 8.22 -2.94
CA ALA A 32 -16.64 9.32 -3.24
C ALA A 32 -17.26 9.17 -4.62
N GLY A 33 -16.49 8.60 -5.54
CA GLY A 33 -17.01 8.34 -6.88
C GLY A 33 -18.09 7.26 -6.86
N GLN A 34 -18.03 6.38 -5.87
CA GLN A 34 -19.03 5.31 -5.81
CA GLN A 34 -19.00 5.29 -5.75
C GLN A 34 -20.16 5.66 -4.84
N GLY A 35 -20.20 6.92 -4.42
CA GLY A 35 -21.32 7.39 -3.62
C GLY A 35 -21.15 7.29 -2.12
N TYR A 36 -19.98 6.86 -1.67
CA TYR A 36 -19.68 6.89 -0.25
C TYR A 36 -19.19 8.27 0.15
N ALA A 37 -19.25 8.55 1.45
CA ALA A 37 -18.68 9.76 2.00
C ALA A 37 -17.43 9.39 2.79
N PRO A 38 -16.27 9.45 2.14
CA PRO A 38 -15.06 9.17 2.92
C PRO A 38 -14.84 10.21 4.00
N VAL A 39 -14.47 9.73 5.18
CA VAL A 39 -14.08 10.58 6.29
C VAL A 39 -12.66 10.24 6.61
N VAL A 40 -11.76 11.20 6.49
CA VAL A 40 -10.34 10.89 6.67
C VAL A 40 -9.91 11.17 8.11
N TYR A 41 -9.21 10.21 8.71
CA TYR A 41 -8.64 10.35 10.05
C TYR A 41 -7.14 10.14 9.86
N ASP A 42 -6.33 11.16 10.17
CA ASP A 42 -4.92 11.11 9.75
C ASP A 42 -4.14 12.09 10.60
N ASN A 43 -2.90 11.73 10.98
CA ASN A 43 -2.16 12.63 11.85
C ASN A 43 -1.22 13.56 11.09
N LEU A 44 -1.25 13.44 9.76
CA LEU A 44 -0.42 14.22 8.80
C LEU A 44 1.09 14.06 8.99
N SER A 45 1.50 12.98 9.65
CA SER A 45 2.92 12.72 9.83
C SER A 45 3.67 12.51 8.51
N THR A 46 3.06 11.80 7.56
CA THR A 46 3.66 11.62 6.24
C THR A 46 2.68 11.97 5.12
N GLY A 47 1.41 12.14 5.47
CA GLY A 47 0.37 12.51 4.52
C GLY A 47 0.20 14.01 4.44
N HIS A 48 -0.83 14.44 3.72
CA HIS A 48 -0.98 15.85 3.35
C HIS A 48 -2.42 16.29 3.43
N GLN A 49 -2.67 17.31 4.23
CA GLN A 49 -4.01 17.85 4.40
C GLN A 49 -4.64 18.23 3.07
N SER A 50 -3.83 18.72 2.12
CA SER A 50 -4.36 19.15 0.83
C SER A 50 -4.86 17.97 -0.03
N ALA A 51 -4.54 16.75 0.39
CA ALA A 51 -5.01 15.57 -0.34
C ALA A 51 -6.38 15.09 0.17
N VAL A 52 -6.92 15.78 1.17
CA VAL A 52 -8.22 15.39 1.72
C VAL A 52 -9.27 16.26 1.03
N ARG A 53 -9.72 15.81 -0.14
CA ARG A 53 -10.54 16.65 -1.01
C ARG A 53 -11.94 16.13 -1.21
N TRP A 54 -12.28 14.99 -0.62
CA TRP A 54 -13.54 14.34 -0.98
C TRP A 54 -14.51 14.13 0.17
N GLY A 55 -14.22 14.73 1.31
CA GLY A 55 -15.10 14.67 2.45
C GLY A 55 -14.45 15.28 3.70
N ASP A 56 -15.00 14.96 4.87
CA ASP A 56 -14.54 15.56 6.12
C ASP A 56 -13.13 15.12 6.47
N PHE A 57 -12.47 15.95 7.28
CA PHE A 57 -11.12 15.66 7.76
C PHE A 57 -11.09 15.77 9.27
N VAL A 58 -10.57 14.73 9.91
CA VAL A 58 -10.33 14.78 11.33
C VAL A 58 -8.84 14.57 11.51
N GLU A 59 -8.13 15.59 11.99
CA GLU A 59 -6.71 15.39 12.31
C GLU A 59 -6.63 14.65 13.63
N GLY A 60 -5.85 13.59 13.67
CA GLY A 60 -5.70 12.84 14.90
C GLY A 60 -4.80 11.64 14.71
N ASP A 61 -4.30 11.12 15.82
CA ASP A 61 -3.47 9.94 15.82
C ASP A 61 -4.30 8.73 16.18
N ILE A 62 -4.05 7.60 15.54
CA ILE A 62 -4.81 6.41 15.92
C ILE A 62 -4.48 5.94 17.35
N LEU A 63 -3.34 6.39 17.89
CA LEU A 63 -3.03 6.10 19.29
C LEU A 63 -3.84 6.96 20.28
N ASP A 64 -4.51 7.99 19.77
CA ASP A 64 -5.36 8.85 20.60
C ASP A 64 -6.72 8.17 20.65
N GLN A 65 -6.88 7.19 21.53
CA GLN A 65 -8.03 6.31 21.43
C GLN A 65 -9.35 7.05 21.69
N ALA A 66 -9.35 8.02 22.60
CA ALA A 66 -10.57 8.80 22.85
C ALA A 66 -11.01 9.53 21.59
N ARG A 67 -10.07 10.15 20.90
CA ARG A 67 -10.41 10.91 19.71
C ARG A 67 -10.90 10.00 18.60
N LEU A 68 -10.30 8.83 18.49
CA LEU A 68 -10.71 7.87 17.46
C LEU A 68 -12.13 7.34 17.75
N VAL A 69 -12.39 6.98 19.01
CA VAL A 69 -13.73 6.55 19.41
C VAL A 69 -14.76 7.66 19.17
N GLU A 70 -14.41 8.88 19.54
CA GLU A 70 -15.29 10.03 19.33
C GLU A 70 -15.68 10.14 17.87
N THR A 71 -14.68 9.95 17.02
CA THR A 71 -14.87 10.05 15.58
C THR A 71 -15.78 8.96 15.06
N MET A 72 -15.54 7.73 15.50
CA MET A 72 -16.43 6.64 15.10
C MET A 72 -17.87 6.84 15.58
N GLU A 73 -18.03 7.40 16.78
CA GLU A 73 -19.37 7.66 17.31
C GLU A 73 -20.07 8.76 16.51
N LYS A 74 -19.33 9.80 16.15
CA LYS A 74 -19.92 10.87 15.36
C LYS A 74 -20.35 10.40 13.96
N TYR A 75 -19.49 9.62 13.30
CA TYR A 75 -19.72 9.31 11.89
C TYR A 75 -20.39 7.96 11.64
N ALA A 76 -20.43 7.10 12.66
CA ALA A 76 -21.02 5.76 12.53
C ALA A 76 -20.66 5.09 11.20
N PRO A 77 -19.35 4.95 10.93
CA PRO A 77 -18.96 4.50 9.60
C PRO A 77 -19.39 3.07 9.31
N VAL A 78 -19.76 2.80 8.06
CA VAL A 78 -20.16 1.45 7.68
C VAL A 78 -18.96 0.52 7.52
N ALA A 79 -17.77 1.13 7.41
CA ALA A 79 -16.53 0.37 7.33
C ALA A 79 -15.37 1.29 7.69
N VAL A 80 -14.26 0.68 8.09
CA VAL A 80 -13.01 1.38 8.38
C VAL A 80 -11.92 0.79 7.48
N ILE A 81 -11.22 1.66 6.75
CA ILE A 81 -10.08 1.21 5.96
C ILE A 81 -8.81 1.76 6.62
N HIS A 82 -7.90 0.86 6.95
CA HIS A 82 -6.76 1.17 7.79
C HIS A 82 -5.49 1.22 6.95
N PHE A 83 -5.07 2.45 6.60
CA PHE A 83 -3.81 2.69 5.88
C PHE A 83 -2.74 3.32 6.77
N ALA A 84 -3.07 3.57 8.03
CA ALA A 84 -2.25 4.43 8.88
C ALA A 84 -1.07 3.64 9.45
N ALA A 85 0.01 3.69 8.68
N ALA A 85 0.06 3.65 8.77
CA ALA A 85 1.28 3.09 9.02
CA ALA A 85 1.19 2.89 9.30
C ALA A 85 2.26 3.59 7.97
C ALA A 85 2.53 3.50 8.92
N SER A 86 2.90 4.72 8.23
N SER A 86 3.58 3.04 9.60
CA SER A 86 3.91 5.19 7.30
CA SER A 86 4.95 3.28 9.16
C SER A 86 5.15 4.32 7.42
C SER A 86 5.32 2.14 8.19
N ALA A 87 5.93 4.25 6.36
N ALA A 87 5.90 2.52 7.06
CA ALA A 87 6.97 3.25 6.27
CA ALA A 87 5.92 1.62 5.91
C ALA A 87 8.03 3.63 5.25
C ALA A 87 7.27 1.44 5.26
N TYR A 88 9.29 3.54 5.67
N TYR A 88 8.34 1.74 5.98
CA TYR A 88 10.41 3.62 4.76
CA TYR A 88 9.65 1.75 5.33
C TYR A 88 11.14 2.28 4.76
C TYR A 88 10.52 0.63 5.88
N VAL A 89 11.77 1.94 3.65
N VAL A 89 10.92 -0.26 4.97
CA VAL A 89 12.46 0.67 3.45
CA VAL A 89 11.69 -1.42 5.38
C VAL A 89 13.76 0.57 4.25
C VAL A 89 13.00 -0.99 6.03
N GLY A 90 13.84 -0.17 5.39
CA GLY A 90 15.14 -0.03 6.04
C GLY A 90 15.02 0.72 7.34
N GLU A 91 14.09 1.65 7.41
CA GLU A 91 13.86 2.37 8.66
C GLU A 91 13.49 1.38 9.76
N SER A 92 12.79 0.29 9.43
CA SER A 92 12.28 -0.64 10.45
C SER A 92 13.40 -1.48 11.11
N VAL A 93 14.46 -1.79 10.37
CA VAL A 93 15.58 -2.57 10.94
C VAL A 93 16.35 -1.73 11.97
N GLU A 94 16.53 -0.45 11.68
CA GLU A 94 17.31 0.44 12.53
C GLU A 94 16.45 1.07 13.63
N ASP A 95 15.15 1.16 13.38
CA ASP A 95 14.21 1.80 14.31
C ASP A 95 12.99 0.89 14.48
N PRO A 96 13.18 -0.30 15.07
CA PRO A 96 12.01 -1.17 15.23
C PRO A 96 11.00 -0.59 16.19
N ALA A 97 11.44 0.22 17.14
CA ALA A 97 10.52 0.82 18.12
C ALA A 97 9.37 1.55 17.44
N LYS A 98 9.73 2.33 16.42
CA LYS A 98 8.74 3.08 15.67
C LYS A 98 7.70 2.18 15.04
N TYR A 99 8.15 1.04 14.51
CA TYR A 99 7.23 0.16 13.80
C TYR A 99 6.35 -0.65 14.76
N TYR A 100 6.91 -1.17 15.85
CA TYR A 100 6.05 -1.85 16.83
C TYR A 100 5.05 -0.87 17.44
N ARG A 101 5.47 0.37 17.68
CA ARG A 101 4.56 1.35 18.29
C ARG A 101 3.42 1.73 17.33
N ASN A 102 3.77 2.18 16.13
CA ASN A 102 2.77 2.65 15.17
C ASN A 102 1.94 1.50 14.60
N ASN A 103 2.60 0.42 14.21
CA ASN A 103 1.91 -0.64 13.50
C ASN A 103 1.20 -1.68 14.37
N VAL A 104 1.77 -2.00 15.52
CA VAL A 104 1.12 -2.93 16.44
C VAL A 104 0.29 -2.17 17.47
N GLY A 105 0.92 -1.28 18.25
CA GLY A 105 0.18 -0.44 19.17
C GLY A 105 -0.92 0.39 18.50
N GLY A 106 -0.59 1.03 17.38
CA GLY A 106 -1.57 1.84 16.66
C GLY A 106 -2.74 1.01 16.15
N THR A 107 -2.45 -0.14 15.57
CA THR A 107 -3.53 -0.99 15.08
C THR A 107 -4.39 -1.50 16.24
N GLN A 108 -3.77 -1.84 17.38
CA GLN A 108 -4.58 -2.32 18.49
C GLN A 108 -5.53 -1.23 18.96
N SER A 109 -5.03 0.00 19.00
CA SER A 109 -5.86 1.12 19.40
C SER A 109 -7.05 1.25 18.42
N LEU A 110 -6.79 1.11 17.13
CA LEU A 110 -7.86 1.21 16.15
CA LEU A 110 -7.86 1.21 16.15
C LEU A 110 -8.86 0.08 16.33
N LEU A 111 -8.38 -1.14 16.56
CA LEU A 111 -9.31 -2.26 16.69
C LEU A 111 -10.09 -2.16 17.98
N ASP A 112 -9.48 -1.64 19.05
CA ASP A 112 -10.27 -1.41 20.26
C ASP A 112 -11.36 -0.36 20.03
N ALA A 113 -11.02 0.72 19.32
CA ALA A 113 -12.01 1.75 19.01
C ALA A 113 -13.18 1.15 18.23
N CYS A 114 -12.85 0.29 17.26
CA CYS A 114 -13.89 -0.41 16.50
C CYS A 114 -14.81 -1.24 17.39
N ARG A 115 -14.25 -2.15 18.19
CA ARG A 115 -15.09 -3.05 18.96
C ARG A 115 -15.89 -2.27 20.00
N LEU A 116 -15.32 -1.19 20.53
CA LEU A 116 -15.99 -0.44 21.60
C LEU A 116 -17.08 0.49 21.04
N THR A 117 -17.16 0.62 19.72
CA THR A 117 -18.21 1.44 19.14
C THR A 117 -19.12 0.60 18.25
N ARG A 118 -18.93 -0.72 18.26
CA ARG A 118 -19.65 -1.64 17.38
C ARG A 118 -19.46 -1.21 15.93
N THR A 119 -18.30 -0.61 15.65
CA THR A 119 -17.94 -0.32 14.28
C THR A 119 -17.31 -1.59 13.72
N GLN A 120 -17.96 -2.18 12.73
CA GLN A 120 -17.72 -3.58 12.45
C GLN A 120 -16.72 -3.97 11.38
N ASN A 121 -16.74 -3.27 10.25
CA ASN A 121 -16.02 -3.77 9.09
C ASN A 121 -14.64 -3.14 8.85
N VAL A 122 -13.57 -3.92 9.05
CA VAL A 122 -12.21 -3.37 8.93
C VAL A 122 -11.48 -3.90 7.71
N ILE A 123 -11.04 -2.98 6.86
CA ILE A 123 -10.26 -3.34 5.69
C ILE A 123 -8.82 -2.92 5.99
N PHE A 124 -7.93 -3.89 6.11
CA PHE A 124 -6.56 -3.67 6.58
C PHE A 124 -5.56 -3.72 5.43
N SER A 125 -4.80 -2.64 5.25
CA SER A 125 -3.79 -2.62 4.20
C SER A 125 -2.54 -3.28 4.73
N SER A 126 -2.29 -4.51 4.28
CA SER A 126 -1.16 -5.28 4.75
C SER A 126 -0.05 -5.23 3.71
N SER A 127 0.83 -6.22 3.72
CA SER A 127 1.99 -6.24 2.82
C SER A 127 2.40 -7.65 2.50
N CYS A 128 2.90 -7.87 1.30
CA CYS A 128 3.46 -9.17 0.94
C CYS A 128 4.82 -9.36 1.61
N ALA A 129 5.30 -8.33 2.30
CA ALA A 129 6.51 -8.49 3.12
C ALA A 129 6.29 -9.49 4.25
N THR A 130 5.04 -9.80 4.56
CA THR A 130 4.75 -10.78 5.62
C THR A 130 5.26 -12.18 5.25
N TYR A 131 5.39 -12.46 3.95
CA TYR A 131 5.81 -13.79 3.49
C TYR A 131 7.28 -14.06 3.70
N GLY A 132 8.10 -13.02 3.63
CA GLY A 132 9.55 -13.19 3.64
C GLY A 132 9.99 -13.85 2.35
N VAL A 133 10.99 -14.72 2.42
CA VAL A 133 11.44 -15.46 1.24
C VAL A 133 10.52 -16.67 0.99
N PRO A 134 9.91 -16.72 -0.20
CA PRO A 134 8.91 -17.75 -0.54
C PRO A 134 9.53 -19.03 -1.08
N SER A 135 8.70 -20.05 -1.24
CA SER A 135 9.14 -21.35 -1.74
C SER A 135 8.82 -21.50 -3.22
N ARG A 136 7.73 -20.91 -3.66
CA ARG A 136 7.33 -20.97 -5.06
C ARG A 136 6.85 -19.62 -5.57
N LEU A 137 6.95 -19.44 -6.89
CA LEU A 137 6.48 -18.22 -7.51
C LEU A 137 5.43 -18.54 -8.57
N PRO A 138 4.34 -17.76 -8.61
CA PRO A 138 4.08 -16.58 -7.75
C PRO A 138 3.67 -16.99 -6.33
N ILE A 139 3.64 -16.00 -5.43
CA ILE A 139 3.40 -16.28 -4.02
C ILE A 139 1.91 -16.38 -3.71
N GLY A 140 1.44 -17.57 -3.35
CA GLY A 140 0.06 -17.77 -2.98
C GLY A 140 -0.15 -17.45 -1.52
N GLU A 141 -1.41 -17.27 -1.10
CA GLU A 141 -1.70 -16.92 0.29
C GLU A 141 -1.38 -18.07 1.24
N GLY A 142 -1.23 -19.26 0.69
CA GLY A 142 -0.91 -20.43 1.49
C GLY A 142 0.54 -20.46 1.89
N GLU A 143 1.35 -19.65 1.22
CA GLU A 143 2.78 -19.56 1.50
C GLU A 143 3.02 -19.20 2.96
N ALA A 144 4.06 -19.78 3.55
CA ALA A 144 4.39 -19.49 4.93
C ALA A 144 4.72 -18.01 5.09
N GLN A 145 4.42 -17.47 6.27
CA GLN A 145 4.73 -16.07 6.54
C GLN A 145 5.89 -15.95 7.53
N ASN A 146 7.09 -15.80 6.99
CA ASN A 146 8.28 -15.67 7.81
C ASN A 146 9.02 -14.41 7.41
N PRO A 147 8.54 -13.26 7.90
CA PRO A 147 9.11 -11.97 7.50
C PRO A 147 10.52 -11.83 8.05
N ILE A 148 11.36 -11.06 7.36
CA ILE A 148 12.76 -10.99 7.74
C ILE A 148 13.16 -9.58 8.18
N ASN A 149 12.18 -8.71 8.38
CA ASN A 149 12.42 -7.39 8.97
C ASN A 149 11.24 -6.93 9.82
N PRO A 150 11.48 -5.97 10.73
CA PRO A 150 10.39 -5.57 11.64
C PRO A 150 9.14 -5.04 10.93
N TYR A 151 9.31 -4.40 9.78
CA TYR A 151 8.15 -3.94 9.04
C TYR A 151 7.24 -5.11 8.68
N GLY A 152 7.79 -6.12 8.02
CA GLY A 152 7.03 -7.33 7.72
C GLY A 152 6.49 -7.99 8.98
N ARG A 153 7.30 -8.02 10.03
CA ARG A 153 6.92 -8.59 11.32
CA ARG A 153 6.89 -8.64 11.28
C ARG A 153 5.68 -7.92 11.87
N THR A 154 5.68 -6.58 11.86
CA THR A 154 4.58 -5.86 12.49
C THR A 154 3.30 -5.95 11.66
N LYS A 155 3.41 -6.03 10.34
CA LYS A 155 2.22 -6.24 9.50
C LYS A 155 1.60 -7.62 9.76
N LEU A 156 2.45 -8.63 9.93
CA LEU A 156 1.97 -9.97 10.26
C LEU A 156 1.28 -10.00 11.62
N ILE A 157 1.84 -9.31 12.60
CA ILE A 157 1.24 -9.24 13.94
C ILE A 157 -0.14 -8.62 13.85
N ALA A 158 -0.28 -7.55 13.07
CA ALA A 158 -1.60 -6.95 12.87
C ALA A 158 -2.59 -7.93 12.23
N GLU A 159 -2.12 -8.73 11.27
CA GLU A 159 -3.02 -9.72 10.67
C GLU A 159 -3.54 -10.71 11.73
N HIS A 160 -2.64 -11.22 12.57
CA HIS A 160 -3.04 -12.16 13.61
C HIS A 160 -3.91 -11.49 14.68
N MET A 161 -3.64 -10.22 14.95
CA MET A 161 -4.45 -9.47 15.89
C MET A 161 -5.88 -9.36 15.36
N LEU A 162 -6.01 -9.05 14.07
CA LEU A 162 -7.32 -9.08 13.41
C LEU A 162 -8.05 -10.41 13.63
N ALA A 163 -7.36 -11.52 13.43
CA ALA A 163 -7.96 -12.83 13.60
C ALA A 163 -8.42 -13.04 15.04
N ASP A 164 -7.59 -12.63 16.00
CA ASP A 164 -7.93 -12.78 17.42
C ASP A 164 -9.09 -11.91 17.85
N TYR A 165 -9.17 -10.70 17.31
CA TYR A 165 -10.29 -9.81 17.59
C TYR A 165 -11.57 -10.31 16.93
N ALA A 166 -11.45 -10.99 15.80
CA ALA A 166 -12.61 -11.61 15.18
C ALA A 166 -13.16 -12.72 16.10
N VAL A 167 -12.25 -13.55 16.62
CA VAL A 167 -12.65 -14.61 17.52
C VAL A 167 -13.34 -14.03 18.75
N ALA A 168 -12.72 -13.03 19.36
CA ALA A 168 -13.19 -12.55 20.65
C ALA A 168 -14.38 -11.59 20.56
N TYR A 169 -14.41 -10.77 19.52
CA TYR A 169 -15.33 -9.65 19.48
C TYR A 169 -16.23 -9.65 18.25
N GLY A 170 -16.04 -10.62 17.37
CA GLY A 170 -16.83 -10.68 16.15
C GLY A 170 -16.49 -9.61 15.13
N LEU A 171 -15.30 -9.04 15.21
CA LEU A 171 -14.80 -8.13 14.19
CA LEU A 171 -14.90 -8.09 14.18
C LEU A 171 -14.79 -8.82 12.84
N ARG A 172 -15.22 -8.14 11.78
CA ARG A 172 -15.16 -8.71 10.43
C ARG A 172 -14.11 -7.94 9.62
N TYR A 173 -13.32 -8.65 8.83
CA TYR A 173 -12.20 -7.98 8.17
C TYR A 173 -11.78 -8.60 6.87
N VAL A 174 -11.04 -7.79 6.12
CA VAL A 174 -10.34 -8.23 4.92
C VAL A 174 -8.95 -7.65 5.03
N ALA A 175 -7.94 -8.51 4.97
CA ALA A 175 -6.55 -8.07 4.94
C ALA A 175 -6.10 -8.13 3.49
N LEU A 176 -5.49 -7.05 3.02
CA LEU A 176 -5.07 -6.98 1.62
C LEU A 176 -3.55 -6.86 1.55
N ARG A 177 -2.93 -7.85 0.90
CA ARG A 177 -1.47 -7.94 0.82
C ARG A 177 -0.99 -7.58 -0.58
N TYR A 178 -0.01 -6.70 -0.66
CA TYR A 178 0.58 -6.35 -1.96
C TYR A 178 2.00 -5.89 -1.75
N PHE A 179 2.77 -5.78 -2.84
CA PHE A 179 4.17 -5.42 -2.74
C PHE A 179 4.44 -3.91 -2.89
N ASN A 180 4.30 -3.40 -4.12
CA ASN A 180 4.65 -2.02 -4.40
C ASN A 180 3.54 -1.22 -5.05
N ALA A 181 3.02 -0.24 -4.32
CA ALA A 181 2.05 0.68 -4.86
C ALA A 181 2.75 1.64 -5.82
N SER A 182 2.16 1.88 -6.98
CA SER A 182 2.81 2.70 -7.98
CA SER A 182 2.81 2.72 -7.97
C SER A 182 1.80 3.48 -8.82
N GLY A 183 2.30 4.31 -9.72
CA GLY A 183 1.47 5.14 -10.57
C GLY A 183 0.81 6.26 -9.78
N ALA A 184 -0.22 6.84 -10.39
CA ALA A 184 -0.99 7.91 -9.76
C ALA A 184 -2.31 8.03 -10.48
N ASP A 185 -3.24 8.81 -9.92
CA ASP A 185 -4.56 8.94 -10.52
C ASP A 185 -4.46 9.33 -11.99
N ILE A 186 -5.26 8.70 -12.85
CA ILE A 186 -5.13 8.92 -14.28
C ILE A 186 -5.30 10.39 -14.68
N ASP A 187 -6.08 11.15 -13.91
CA ASP A 187 -6.38 12.52 -14.29
C ASP A 187 -5.35 13.54 -13.81
N GLY A 188 -4.32 13.06 -13.13
CA GLY A 188 -3.14 13.88 -12.88
C GLY A 188 -3.09 14.83 -11.68
N GLU A 189 -4.15 14.90 -10.88
CA GLU A 189 -4.16 15.85 -9.76
C GLU A 189 -3.85 15.25 -8.39
N LEU A 190 -3.51 13.96 -8.34
CA LEU A 190 -3.23 13.30 -7.06
C LEU A 190 -2.03 12.37 -7.21
N GLY A 191 -1.01 12.55 -6.39
CA GLY A 191 0.20 11.79 -6.57
C GLY A 191 0.84 11.30 -5.29
N GLU A 192 2.04 10.75 -5.44
CA GLU A 192 2.76 10.17 -4.32
C GLU A 192 3.77 11.19 -3.80
N LYS A 193 3.54 11.75 -2.62
CA LYS A 193 4.42 12.79 -2.11
C LYS A 193 5.01 12.35 -0.78
N HIS A 194 6.22 11.81 -0.84
CA HIS A 194 6.92 11.33 0.36
C HIS A 194 8.23 12.05 0.48
N ASP A 195 8.65 12.27 1.71
CA ASP A 195 9.95 12.91 1.95
C ASP A 195 10.52 12.36 3.24
N PRO A 196 11.55 11.50 3.14
CA PRO A 196 12.25 11.11 1.91
C PRO A 196 11.42 10.15 1.05
N GLU A 197 11.61 10.25 -0.25
CA GLU A 197 10.96 9.33 -1.17
C GLU A 197 11.86 8.11 -1.33
N THR A 198 11.38 6.93 -0.91
CA THR A 198 12.23 5.74 -0.87
C THR A 198 11.81 4.67 -1.88
N HIS A 199 10.71 4.91 -2.60
CA HIS A 199 10.18 3.87 -3.48
C HIS A 199 10.85 3.95 -4.84
N LEU A 200 10.99 2.80 -5.49
CA LEU A 200 11.87 2.64 -6.64
C LEU A 200 11.46 3.48 -7.86
N ILE A 201 10.20 3.36 -8.29
CA ILE A 201 9.79 4.06 -9.49
C ILE A 201 9.83 5.59 -9.31
N PRO A 202 9.36 6.11 -8.16
CA PRO A 202 9.58 7.53 -7.92
C PRO A 202 11.05 7.95 -7.92
N ARG A 203 11.93 7.17 -7.29
CA ARG A 203 13.34 7.51 -7.28
C ARG A 203 13.91 7.50 -8.69
N ALA A 204 13.55 6.49 -9.48
CA ALA A 204 14.07 6.41 -10.85
C ALA A 204 13.63 7.63 -11.66
N MET A 205 12.39 8.06 -11.45
CA MET A 205 11.86 9.22 -12.17
C MET A 205 12.50 10.52 -11.72
N MET A 206 12.66 10.66 -10.41
CA MET A 206 13.33 11.83 -9.87
C MET A 206 14.75 11.94 -10.44
N ALA A 207 15.42 10.79 -10.56
CA ALA A 207 16.79 10.77 -11.09
C ALA A 207 16.79 11.18 -12.57
N ALA A 208 15.86 10.62 -13.35
CA ALA A 208 15.73 11.00 -14.75
C ALA A 208 15.42 12.48 -14.89
N ALA A 209 14.67 13.01 -13.92
CA ALA A 209 14.27 14.42 -13.95
C ALA A 209 15.33 15.37 -13.39
N GLY A 210 16.36 14.82 -12.76
CA GLY A 210 17.44 15.62 -12.23
C GLY A 210 17.16 16.09 -10.82
N ARG A 211 16.09 15.54 -10.24
CA ARG A 211 15.75 15.84 -8.85
C ARG A 211 16.60 15.00 -7.91
N LEU A 212 17.11 13.88 -8.43
CA LEU A 212 18.17 13.10 -7.77
C LEU A 212 19.34 13.00 -8.73
N ASP A 213 20.55 12.87 -8.20
CA ASP A 213 21.73 12.81 -9.05
C ASP A 213 21.88 11.46 -9.73
N VAL A 214 21.64 10.38 -8.98
CA VAL A 214 21.81 9.04 -9.51
C VAL A 214 20.75 8.09 -9.00
N LEU A 215 20.57 6.97 -9.69
CA LEU A 215 19.79 5.88 -9.13
C LEU A 215 20.74 4.71 -8.95
N GLU A 216 21.09 4.41 -7.70
CA GLU A 216 21.91 3.26 -7.42
C GLU A 216 21.07 1.99 -7.56
N VAL A 217 21.54 1.07 -8.37
CA VAL A 217 20.84 -0.19 -8.61
C VAL A 217 21.76 -1.34 -8.21
N TYR A 218 21.29 -2.19 -7.31
CA TYR A 218 22.15 -3.22 -6.74
C TYR A 218 22.02 -4.56 -7.45
N GLY A 219 22.84 -4.74 -8.49
CA GLY A 219 22.95 -6.01 -9.17
C GLY A 219 22.40 -6.05 -10.59
N ASP A 220 23.24 -6.53 -11.51
CA ASP A 220 22.82 -6.75 -12.88
C ASP A 220 23.08 -8.19 -13.30
N ASP A 221 23.42 -9.02 -12.31
CA ASP A 221 23.74 -10.43 -12.59
C ASP A 221 22.80 -11.39 -11.84
N TYR A 222 21.57 -10.96 -11.57
CA TYR A 222 20.54 -11.85 -11.06
C TYR A 222 20.22 -12.94 -12.08
N GLU A 223 19.60 -14.03 -11.61
CA GLU A 223 19.10 -15.07 -12.51
C GLU A 223 17.73 -14.67 -13.09
N THR A 224 17.74 -13.56 -13.84
CA THR A 224 16.54 -13.01 -14.48
C THR A 224 16.86 -12.72 -15.95
N PRO A 225 15.83 -12.69 -16.81
CA PRO A 225 16.04 -12.43 -18.24
C PRO A 225 17.01 -11.30 -18.57
N ASP A 226 16.95 -10.16 -17.88
CA ASP A 226 17.89 -9.08 -18.21
C ASP A 226 18.96 -8.89 -17.14
N GLY A 227 18.95 -9.74 -16.13
CA GLY A 227 19.98 -9.71 -15.11
C GLY A 227 19.65 -8.82 -13.92
N THR A 228 18.68 -7.94 -14.06
CA THR A 228 18.28 -7.07 -12.95
C THR A 228 17.10 -7.70 -12.22
N CYS A 229 16.89 -7.33 -10.95
CA CYS A 229 15.93 -8.06 -10.15
C CYS A 229 14.49 -7.69 -10.49
N ILE A 230 13.60 -8.63 -10.25
CA ILE A 230 12.21 -8.53 -10.64
C ILE A 230 11.35 -8.36 -9.38
N ARG A 231 10.46 -7.38 -9.39
CA ARG A 231 9.58 -7.13 -8.24
C ARG A 231 8.17 -6.87 -8.74
N ASP A 232 7.26 -6.62 -7.80
CA ASP A 232 5.83 -6.65 -8.09
C ASP A 232 5.21 -5.27 -7.93
N TYR A 233 4.64 -4.75 -9.00
CA TYR A 233 4.09 -3.39 -8.96
C TYR A 233 2.61 -3.35 -9.29
N ILE A 234 1.84 -2.65 -8.47
CA ILE A 234 0.41 -2.51 -8.72
C ILE A 234 0.01 -1.05 -8.66
N HIS A 235 -0.80 -0.62 -9.62
CA HIS A 235 -1.25 0.76 -9.72
C HIS A 235 -2.12 1.13 -8.53
N VAL A 236 -1.90 2.32 -8.00
CA VAL A 236 -2.60 2.77 -6.80
C VAL A 236 -4.12 2.86 -6.99
N THR A 237 -4.56 3.14 -8.22
CA THR A 237 -5.99 3.18 -8.49
C THR A 237 -6.59 1.78 -8.39
N ASP A 238 -5.84 0.78 -8.85
CA ASP A 238 -6.24 -0.61 -8.68
C ASP A 238 -6.31 -0.95 -7.19
N LEU A 239 -5.37 -0.43 -6.41
CA LEU A 239 -5.42 -0.66 -4.95
C LEU A 239 -6.67 -0.03 -4.36
N ALA A 240 -6.98 1.20 -4.77
CA ALA A 240 -8.21 1.85 -4.34
C ALA A 240 -9.42 0.98 -4.66
N ARG A 241 -9.49 0.52 -5.90
CA ARG A 241 -10.60 -0.35 -6.33
C ARG A 241 -10.76 -1.58 -5.41
N ALA A 242 -9.67 -2.26 -5.11
CA ALA A 242 -9.72 -3.47 -4.30
C ALA A 242 -10.18 -3.19 -2.86
N HIS A 243 -9.72 -2.08 -2.29
CA HIS A 243 -10.08 -1.77 -0.92
C HIS A 243 -11.57 -1.46 -0.84
N VAL A 244 -12.12 -0.84 -1.90
CA VAL A 244 -13.55 -0.58 -1.88
C VAL A 244 -14.33 -1.87 -2.17
N LEU A 245 -13.81 -2.72 -3.05
CA LEU A 245 -14.46 -4.02 -3.25
C LEU A 245 -14.50 -4.79 -1.92
N ALA A 246 -13.45 -4.66 -1.13
CA ALA A 246 -13.38 -5.33 0.17
C ALA A 246 -14.48 -4.80 1.11
N VAL A 247 -14.73 -3.49 1.03
CA VAL A 247 -15.84 -2.90 1.78
C VAL A 247 -17.17 -3.54 1.34
N GLU A 248 -17.35 -3.66 0.03
CA GLU A 248 -18.60 -4.24 -0.49
C GLU A 248 -18.77 -5.68 -0.03
N HIS A 249 -17.66 -6.41 -0.03
CA HIS A 249 -17.65 -7.82 0.37
C HIS A 249 -18.18 -7.99 1.80
N LEU A 250 -17.69 -7.17 2.72
CA LEU A 250 -18.13 -7.27 4.11
C LEU A 250 -19.54 -6.74 4.26
N LYS A 251 -19.91 -5.73 3.47
CA LYS A 251 -21.26 -5.21 3.51
C LYS A 251 -22.25 -6.29 3.13
N GLU A 252 -21.91 -7.08 2.12
CA GLU A 252 -22.77 -8.15 1.61
C GLU A 252 -22.62 -9.43 2.41
N ALA A 253 -22.32 -9.28 3.70
CA ALA A 253 -22.21 -10.40 4.65
C ALA A 253 -21.12 -11.41 4.30
N GLY A 254 -20.08 -10.97 3.60
CA GLY A 254 -18.99 -11.87 3.24
C GLY A 254 -18.13 -12.28 4.43
N GLY A 255 -17.42 -13.40 4.29
CA GLY A 255 -16.57 -13.89 5.36
C GLY A 255 -15.21 -13.19 5.38
N ASN A 256 -14.48 -13.38 6.48
CA ASN A 256 -13.18 -12.75 6.62
C ASN A 256 -12.22 -13.26 5.54
N LEU A 257 -11.35 -12.38 5.07
CA LEU A 257 -10.47 -12.72 3.96
C LEU A 257 -9.06 -12.19 4.19
N ALA A 258 -8.08 -12.89 3.63
CA ALA A 258 -6.74 -12.34 3.45
C ALA A 258 -6.30 -12.72 2.03
N VAL A 259 -6.19 -11.73 1.15
CA VAL A 259 -5.84 -12.00 -0.24
C VAL A 259 -4.73 -11.08 -0.77
N ASN A 260 -3.97 -11.61 -1.74
CA ASN A 260 -2.96 -10.86 -2.46
C ASN A 260 -3.57 -9.94 -3.52
N LEU A 261 -2.93 -8.79 -3.74
CA LEU A 261 -3.30 -7.89 -4.82
C LEU A 261 -2.11 -7.71 -5.75
N GLY A 262 -2.36 -7.84 -7.06
CA GLY A 262 -1.32 -7.67 -8.06
C GLY A 262 -1.74 -8.13 -9.44
N THR A 263 -0.80 -8.08 -10.37
CA THR A 263 -1.04 -8.50 -11.74
C THR A 263 -0.70 -9.97 -11.96
N GLY A 264 0.09 -10.53 -11.04
CA GLY A 264 0.57 -11.90 -11.18
C GLY A 264 1.85 -11.96 -12.00
N ARG A 265 2.27 -10.82 -12.52
CA ARG A 265 3.48 -10.72 -13.33
C ARG A 265 4.45 -9.67 -12.75
N GLY A 266 5.72 -10.04 -12.66
CA GLY A 266 6.74 -9.15 -12.14
C GLY A 266 7.33 -8.21 -13.17
N THR A 267 8.14 -7.28 -12.68
CA THR A 267 8.78 -6.28 -13.52
C THR A 267 10.22 -6.03 -13.08
N SER A 268 11.16 -6.04 -14.02
CA SER A 268 12.55 -5.81 -13.66
C SER A 268 12.89 -4.33 -13.60
N ILE A 269 13.98 -4.01 -12.91
CA ILE A 269 14.49 -2.64 -12.84
C ILE A 269 14.76 -2.08 -14.24
N ARG A 270 15.40 -2.90 -15.06
CA ARG A 270 15.74 -2.50 -16.42
C ARG A 270 14.49 -2.10 -17.19
N GLU A 271 13.44 -2.90 -17.11
CA GLU A 271 12.19 -2.60 -17.79
C GLU A 271 11.67 -1.24 -17.39
N ILE A 272 11.72 -0.96 -16.10
CA ILE A 272 11.23 0.30 -15.58
C ILE A 272 12.05 1.47 -16.11
N VAL A 273 13.37 1.36 -16.01
CA VAL A 273 14.27 2.39 -16.51
C VAL A 273 14.05 2.60 -18.01
N GLN A 274 13.96 1.50 -18.75
CA GLN A 274 13.72 1.58 -20.19
C GLN A 274 12.40 2.28 -20.50
N SER A 275 11.36 1.91 -19.77
CA SER A 275 10.03 2.48 -19.99
C SER A 275 10.04 3.98 -19.73
N ILE A 276 10.69 4.41 -18.66
CA ILE A 276 10.81 5.83 -18.33
C ILE A 276 11.49 6.62 -19.45
N GLY A 277 12.62 6.10 -19.93
CA GLY A 277 13.36 6.77 -21.00
C GLY A 277 12.52 6.92 -22.25
N ARG A 278 11.78 5.87 -22.56
CA ARG A 278 10.93 5.83 -23.74
C ARG A 278 9.76 6.80 -23.67
N LEU A 279 9.04 6.81 -22.55
CA LEU A 279 7.81 7.60 -22.44
C LEU A 279 8.08 9.07 -22.10
N THR A 280 9.23 9.35 -21.51
CA THR A 280 9.51 10.71 -21.06
C THR A 280 10.66 11.36 -21.83
N GLY A 281 11.41 10.55 -22.57
CA GLY A 281 12.52 11.05 -23.36
C GLY A 281 13.73 11.40 -22.52
N ARG A 282 13.69 11.07 -21.24
CA ARG A 282 14.81 11.35 -20.37
C ARG A 282 15.31 10.06 -19.74
N SER A 283 16.61 9.81 -19.84
CA SER A 283 17.18 8.57 -19.32
C SER A 283 17.40 8.65 -17.82
N VAL A 284 17.32 7.49 -17.17
CA VAL A 284 17.60 7.39 -15.74
C VAL A 284 19.11 7.19 -15.53
N PRO A 285 19.76 8.07 -14.75
CA PRO A 285 21.21 7.96 -14.58
C PRO A 285 21.60 6.84 -13.60
N VAL A 286 21.53 5.61 -14.07
CA VAL A 286 21.78 4.44 -13.25
C VAL A 286 23.24 4.30 -12.85
N ALA A 287 23.46 4.01 -11.57
CA ALA A 287 24.77 3.61 -11.08
C ALA A 287 24.66 2.16 -10.64
N MET A 288 25.17 1.26 -11.45
CA MET A 288 25.08 -0.16 -11.17
C MET A 288 26.12 -0.57 -10.13
N ARG A 289 25.62 -1.12 -9.02
CA ARG A 289 26.50 -1.60 -7.97
CA ARG A 289 26.45 -1.59 -7.91
C ARG A 289 26.37 -3.11 -7.79
N ALA A 290 27.28 -3.68 -7.00
CA ALA A 290 27.30 -5.12 -6.78
C ALA A 290 26.00 -5.61 -6.15
N ARG A 291 25.52 -6.75 -6.65
CA ARG A 291 24.35 -7.40 -6.06
C ARG A 291 24.66 -7.80 -4.62
N ARG A 292 23.70 -7.58 -3.73
CA ARG A 292 23.81 -8.03 -2.35
C ARG A 292 23.48 -9.51 -2.25
N ALA A 293 24.38 -10.28 -1.63
CA ALA A 293 24.20 -11.72 -1.50
C ALA A 293 22.91 -12.05 -0.75
N GLY A 294 22.23 -13.10 -1.20
CA GLY A 294 21.00 -13.53 -0.56
C GLY A 294 19.79 -12.65 -0.88
N ASP A 295 19.90 -11.83 -1.93
CA ASP A 295 18.77 -11.03 -2.37
C ASP A 295 18.02 -11.75 -3.50
N PRO A 296 16.69 -11.89 -3.34
CA PRO A 296 15.86 -12.64 -4.28
C PRO A 296 15.83 -12.03 -5.67
N PRO A 297 15.93 -12.87 -6.71
CA PRO A 297 15.90 -12.41 -8.09
C PRO A 297 14.51 -11.94 -8.50
N ALA A 298 13.49 -12.54 -7.90
CA ALA A 298 12.12 -12.25 -8.31
C ALA A 298 11.14 -12.45 -7.16
N LEU A 299 10.26 -11.47 -7.00
CA LEU A 299 9.18 -11.54 -6.03
C LEU A 299 7.91 -10.96 -6.65
N TYR A 300 6.86 -11.75 -6.69
CA TYR A 300 5.56 -11.25 -7.13
C TYR A 300 4.46 -12.18 -6.63
N ALA A 301 3.26 -11.63 -6.50
CA ALA A 301 2.17 -12.31 -5.83
C ALA A 301 1.21 -13.00 -6.80
N ASP A 302 0.59 -14.08 -6.31
CA ASP A 302 -0.46 -14.78 -7.03
C ASP A 302 -1.81 -14.11 -6.75
N PRO A 303 -2.43 -13.54 -7.78
CA PRO A 303 -3.67 -12.76 -7.61
C PRO A 303 -4.96 -13.56 -7.78
N ALA A 304 -4.87 -14.89 -7.88
CA ALA A 304 -6.03 -15.72 -8.20
C ALA A 304 -7.11 -15.69 -7.11
N LEU A 305 -6.70 -15.72 -5.85
CA LEU A 305 -7.68 -15.77 -4.76
C LEU A 305 -8.52 -14.49 -4.70
N ALA A 306 -7.89 -13.35 -4.90
CA ALA A 306 -8.61 -12.09 -4.96
C ALA A 306 -9.62 -12.06 -6.11
N ALA A 307 -9.25 -12.64 -7.25
CA ALA A 307 -10.17 -12.76 -8.37
C ALA A 307 -11.38 -13.60 -7.98
N GLU A 308 -11.14 -14.71 -7.31
CA GLU A 308 -12.22 -15.59 -6.89
C GLU A 308 -13.11 -14.96 -5.83
N LYS A 309 -12.52 -14.39 -4.78
CA LYS A 309 -13.29 -13.97 -3.62
C LYS A 309 -13.84 -12.54 -3.72
N LEU A 310 -13.13 -11.68 -4.44
CA LEU A 310 -13.56 -10.28 -4.58
C LEU A 310 -14.01 -9.92 -5.99
N GLY A 311 -13.80 -10.82 -6.93
CA GLY A 311 -14.03 -10.51 -8.33
C GLY A 311 -13.09 -9.41 -8.80
N PHE A 312 -11.88 -9.38 -8.24
CA PHE A 312 -10.92 -8.31 -8.51
C PHE A 312 -9.85 -8.65 -9.53
N HIS A 313 -9.75 -7.82 -10.58
CA HIS A 313 -8.63 -7.86 -11.53
C HIS A 313 -8.06 -6.47 -11.67
N THR A 314 -6.74 -6.36 -11.82
CA THR A 314 -6.15 -5.06 -12.10
C THR A 314 -6.53 -4.63 -13.51
N VAL A 315 -6.82 -3.34 -13.69
CA VAL A 315 -7.08 -2.83 -15.03
C VAL A 315 -6.21 -1.63 -15.36
N TYR A 316 -5.41 -1.17 -14.40
CA TYR A 316 -4.53 -0.02 -14.63
C TYR A 316 -3.06 -0.34 -14.38
N SER A 317 -2.73 -1.60 -14.17
CA SER A 317 -1.41 -1.93 -13.67
C SER A 317 -0.44 -2.45 -14.74
N ASP A 318 -0.71 -2.13 -16.00
CA ASP A 318 0.30 -2.33 -17.04
C ASP A 318 1.41 -1.30 -16.82
N LEU A 319 2.66 -1.68 -17.09
CA LEU A 319 3.79 -0.79 -16.83
C LEU A 319 3.62 0.58 -17.44
N ASP A 320 3.15 0.61 -18.68
CA ASP A 320 3.01 1.87 -19.39
CA ASP A 320 2.92 1.83 -19.44
C ASP A 320 2.04 2.83 -18.67
N THR A 321 0.93 2.32 -18.14
CA THR A 321 0.00 3.18 -17.39
C THR A 321 0.62 3.65 -16.07
N ILE A 322 1.30 2.74 -15.39
CA ILE A 322 1.99 3.10 -14.16
C ILE A 322 2.98 4.22 -14.42
N ILE A 323 3.80 4.06 -15.46
CA ILE A 323 4.83 5.06 -15.74
C ILE A 323 4.22 6.39 -16.18
N ARG A 324 3.30 6.31 -17.13
CA ARG A 324 2.67 7.49 -17.70
C ARG A 324 1.94 8.34 -16.65
N THR A 325 1.29 7.70 -15.69
CA THR A 325 0.51 8.49 -14.72
C THR A 325 1.37 9.03 -13.60
N ALA A 326 2.48 8.36 -13.30
CA ALA A 326 3.37 8.84 -12.23
C ALA A 326 4.31 9.94 -12.70
N ALA A 327 4.80 9.81 -13.93
CA ALA A 327 5.86 10.69 -14.44
C ALA A 327 5.62 12.20 -14.25
N PRO A 328 4.41 12.72 -14.54
CA PRO A 328 4.20 14.17 -14.38
C PRO A 328 4.37 14.68 -12.95
N HIS A 329 4.31 13.78 -11.98
CA HIS A 329 4.46 14.20 -10.60
C HIS A 329 5.91 14.30 -10.16
N PHE A 330 6.84 13.85 -11.00
CA PHE A 330 8.24 13.87 -10.61
C PHE A 330 9.09 14.64 -11.61
N GLY A 331 8.52 15.68 -12.20
CA GLY A 331 9.27 16.57 -13.06
C GLY A 331 9.50 16.05 -14.47
N LEU A 332 8.69 15.09 -14.90
CA LEU A 332 8.85 14.53 -16.25
C LEU A 332 7.62 14.85 -17.09
N GLU A 333 7.78 14.72 -18.40
CA GLU A 333 6.68 14.95 -19.34
C GLU A 333 6.49 13.70 -20.21
N VAL A 334 5.24 13.29 -20.38
CA VAL A 334 4.96 12.15 -21.24
C VAL A 334 4.84 12.60 -22.69
N ARG A 335 5.64 11.99 -23.56
CA ARG A 335 5.66 12.38 -24.97
C ARG A 335 5.10 11.28 -25.86
#